data_4MSG
#
_entry.id   4MSG
#
_cell.length_a   41.529
_cell.length_b   77.568
_cell.length_c   148.152
_cell.angle_alpha   90
_cell.angle_beta   90
_cell.angle_gamma   90
#
_symmetry.space_group_name_H-M   'P 21 21 21'
#
loop_
_entity.id
_entity.type
_entity.pdbx_description
1 polymer Tankyrase-1
2 non-polymer 'ZINC ION'
3 non-polymer 3-[(4-oxo-3,4-dihydroquinazolin-2-yl)sulfanyl]-N-[trans-4-(5-phenyl-1,3,4-oxadiazol-2-yl)cyclohexyl]propanamide
4 water water
#
_entity_poly.entity_id   1
_entity_poly.type   'polypeptide(L)'
_entity_poly.pdbx_seq_one_letter_code
;QGTILLDLAPEDKEYQSVEEEMQSTIREHRDGGNAGGIFNRYNVIRIQKVVNKKLRERFCHRQKEVSEENHNHHNERMLF
HGSPFINAIIHKGFDERHAYIGGMFGAGIYFAENSSKSNQYVYGIGGGTGCPTHKDRSCYICHRQMLFCRVTLGKSFLQF
STMKMAHAPPGHHSVIGRPSVNGLAYAEYVIYRGEQAYPEYLITYQIMKPEHHHHHH
;
_entity_poly.pdbx_strand_id   A,B
#
loop_
_chem_comp.id
_chem_comp.type
_chem_comp.name
_chem_comp.formula
2C6 non-polymer 3-[(4-oxo-3,4-dihydroquinazolin-2-yl)sulfanyl]-N-[trans-4-(5-phenyl-1,3,4-oxadiazol-2-yl)cyclohexyl]propanamide 'C25 H25 N5 O3 S'
ZN non-polymer 'ZINC ION' 'Zn 2'
#
# COMPACT_ATOMS: atom_id res chain seq x y z
N GLY A 2 3.24 -33.72 -11.30
CA GLY A 2 4.34 -32.80 -10.87
C GLY A 2 4.54 -31.64 -11.85
N THR A 3 5.68 -30.98 -11.74
CA THR A 3 5.99 -29.84 -12.60
C THR A 3 6.46 -30.25 -14.00
N ILE A 4 6.08 -29.45 -14.98
CA ILE A 4 6.48 -29.66 -16.36
C ILE A 4 7.02 -28.30 -16.78
N LEU A 5 8.26 -28.27 -17.26
CA LEU A 5 8.88 -27.02 -17.69
C LEU A 5 8.72 -26.92 -19.20
N LEU A 6 8.01 -25.90 -19.65
CA LEU A 6 7.79 -25.72 -21.08
C LEU A 6 8.71 -24.63 -21.61
N ASP A 7 9.60 -25.01 -22.51
CA ASP A 7 10.52 -24.07 -23.12
C ASP A 7 9.76 -23.11 -24.03
N LEU A 8 10.03 -21.83 -23.89
CA LEU A 8 9.40 -20.84 -24.76
C LEU A 8 10.42 -20.54 -25.85
N ALA A 9 9.94 -20.30 -27.07
CA ALA A 9 10.82 -19.99 -28.18
C ALA A 9 10.97 -18.46 -28.25
N PRO A 10 12.16 -17.98 -28.63
CA PRO A 10 12.39 -16.53 -28.72
C PRO A 10 11.47 -15.73 -29.64
N GLU A 11 10.83 -16.38 -30.60
CA GLU A 11 9.93 -15.65 -31.49
C GLU A 11 8.54 -15.55 -30.87
N ASP A 12 8.34 -16.27 -29.77
CA ASP A 12 7.07 -16.28 -29.06
C ASP A 12 6.99 -14.96 -28.29
N LYS A 13 5.90 -14.22 -28.49
CA LYS A 13 5.73 -12.95 -27.80
C LYS A 13 5.81 -13.09 -26.29
N GLU A 14 5.46 -14.26 -25.78
CA GLU A 14 5.49 -14.48 -24.33
C GLU A 14 6.93 -14.48 -23.85
N TYR A 15 7.83 -15.01 -24.68
CA TYR A 15 9.25 -15.05 -24.33
C TYR A 15 9.76 -13.60 -24.32
N GLN A 16 9.49 -12.91 -25.42
CA GLN A 16 9.88 -11.53 -25.58
C GLN A 16 9.36 -10.67 -24.42
N SER A 17 8.12 -10.80 -23.93
CA SER A 17 7.69 -9.96 -22.80
C SER A 17 8.49 -10.18 -21.58
N VAL A 18 8.70 -11.47 -21.29
CA VAL A 18 9.42 -11.79 -20.08
C VAL A 18 10.85 -11.25 -20.11
N GLU A 19 11.58 -11.53 -21.19
CA GLU A 19 12.94 -11.04 -21.28
C GLU A 19 12.98 -9.51 -21.25
N GLU A 20 12.00 -8.86 -21.85
CA GLU A 20 12.00 -7.40 -21.86
C GLU A 20 11.83 -6.85 -20.43
N GLU A 21 10.92 -7.44 -19.68
CA GLU A 21 10.68 -6.98 -18.32
C GLU A 21 11.95 -7.15 -17.49
N MET A 22 12.68 -8.23 -17.75
CA MET A 22 13.91 -8.50 -17.01
C MET A 22 15.01 -7.50 -17.42
N GLN A 23 15.28 -7.42 -18.72
CA GLN A 23 16.31 -6.52 -19.24
C GLN A 23 16.06 -5.05 -18.89
N SER A 24 14.80 -4.64 -19.01
CA SER A 24 14.44 -3.24 -18.74
C SER A 24 14.39 -2.84 -17.28
N THR A 25 14.50 -3.80 -16.37
CA THR A 25 14.44 -3.45 -14.96
C THR A 25 15.78 -3.58 -14.27
N ILE A 26 16.85 -3.38 -15.04
CA ILE A 26 18.19 -3.43 -14.48
C ILE A 26 18.39 -2.03 -13.89
N ARG A 27 18.57 -1.97 -12.58
CA ARG A 27 18.73 -0.69 -11.90
C ARG A 27 20.10 -0.53 -11.29
N GLU A 28 20.37 0.69 -10.85
CA GLU A 28 21.64 1.01 -10.22
C GLU A 28 21.53 0.65 -8.75
N HIS A 29 22.53 -0.07 -8.26
CA HIS A 29 22.56 -0.46 -6.84
C HIS A 29 23.75 0.24 -6.21
N ARG A 30 23.56 0.73 -5.00
CA ARG A 30 24.60 1.49 -4.31
C ARG A 30 25.77 0.68 -3.76
N ASP A 31 26.00 -0.54 -4.24
CA ASP A 31 27.10 -1.34 -3.71
C ASP A 31 28.26 -1.60 -4.67
N GLY A 32 28.36 -0.79 -5.72
CA GLY A 32 29.43 -0.93 -6.68
C GLY A 32 29.42 -2.30 -7.33
N GLY A 33 28.24 -2.91 -7.37
CA GLY A 33 28.08 -4.22 -7.97
C GLY A 33 28.62 -5.39 -7.17
N ASN A 34 28.94 -5.16 -5.90
CA ASN A 34 29.48 -6.23 -5.07
C ASN A 34 28.61 -7.49 -4.97
N ALA A 35 27.32 -7.31 -4.74
CA ALA A 35 26.42 -8.44 -4.57
C ALA A 35 26.08 -9.22 -5.83
N GLY A 36 25.52 -8.53 -6.83
CA GLY A 36 25.13 -9.18 -8.06
C GLY A 36 26.10 -9.15 -9.22
N GLY A 37 27.17 -8.37 -9.11
CA GLY A 37 28.14 -8.26 -10.17
C GLY A 37 28.03 -6.97 -10.97
N ILE A 38 28.98 -6.76 -11.89
CA ILE A 38 28.99 -5.58 -12.74
C ILE A 38 28.55 -5.98 -14.13
N PHE A 39 27.43 -5.42 -14.57
CA PHE A 39 26.87 -5.76 -15.87
C PHE A 39 25.86 -4.71 -16.29
N ASN A 40 25.64 -4.59 -17.60
CA ASN A 40 24.68 -3.64 -18.14
C ASN A 40 23.46 -4.37 -18.72
N ARG A 41 23.65 -5.65 -19.04
CA ARG A 41 22.58 -6.47 -19.58
C ARG A 41 22.81 -7.93 -19.22
N TYR A 42 21.82 -8.76 -19.51
CA TYR A 42 21.91 -10.18 -19.24
C TYR A 42 21.94 -10.88 -20.58
N ASN A 43 22.35 -12.15 -20.53
CA ASN A 43 22.29 -12.99 -21.70
C ASN A 43 21.24 -13.99 -21.25
N VAL A 44 20.01 -13.79 -21.71
CA VAL A 44 18.92 -14.70 -21.35
C VAL A 44 19.06 -15.89 -22.29
N ILE A 45 19.37 -17.06 -21.74
CA ILE A 45 19.55 -18.23 -22.60
C ILE A 45 18.41 -19.22 -22.58
N ARG A 46 17.47 -19.01 -21.67
CA ARG A 46 16.33 -19.91 -21.58
C ARG A 46 15.22 -19.32 -20.73
N ILE A 47 13.99 -19.53 -21.16
CA ILE A 47 12.82 -19.07 -20.42
C ILE A 47 11.81 -20.20 -20.50
N GLN A 48 11.50 -20.76 -19.34
CA GLN A 48 10.58 -21.88 -19.25
C GLN A 48 9.35 -21.55 -18.43
N LYS A 49 8.23 -22.08 -18.88
CA LYS A 49 6.96 -21.90 -18.22
C LYS A 49 6.78 -23.07 -17.26
N VAL A 50 6.53 -22.78 -16.00
CA VAL A 50 6.36 -23.82 -15.01
C VAL A 50 4.89 -24.21 -15.00
N VAL A 51 4.62 -25.44 -15.41
CA VAL A 51 3.25 -25.93 -15.48
C VAL A 51 3.08 -27.01 -14.42
N ASN A 52 2.25 -26.73 -13.42
CA ASN A 52 1.98 -27.66 -12.33
C ASN A 52 0.54 -27.45 -11.90
N LYS A 53 -0.33 -28.38 -12.28
CA LYS A 53 -1.75 -28.33 -11.99
C LYS A 53 -2.10 -28.10 -10.52
N LYS A 54 -1.59 -28.97 -9.65
CA LYS A 54 -1.82 -28.88 -8.21
C LYS A 54 -1.31 -27.57 -7.63
N LEU A 55 -0.10 -27.20 -8.04
CA LEU A 55 0.51 -25.96 -7.56
C LEU A 55 -0.39 -24.78 -7.94
N ARG A 56 -0.92 -24.80 -9.17
CA ARG A 56 -1.80 -23.75 -9.66
C ARG A 56 -3.09 -23.70 -8.83
N GLU A 57 -3.66 -24.87 -8.57
CA GLU A 57 -4.89 -24.97 -7.79
C GLU A 57 -4.70 -24.43 -6.37
N ARG A 58 -3.54 -24.69 -5.77
CA ARG A 58 -3.26 -24.20 -4.41
C ARG A 58 -3.26 -22.66 -4.44
N PHE A 59 -2.56 -22.15 -5.44
CA PHE A 59 -2.42 -20.72 -5.66
C PHE A 59 -3.77 -20.04 -5.83
N CYS A 60 -4.59 -20.58 -6.74
CA CYS A 60 -5.90 -20.01 -6.98
C CYS A 60 -6.82 -20.12 -5.77
N HIS A 61 -6.69 -21.21 -5.01
CA HIS A 61 -7.53 -21.37 -3.84
C HIS A 61 -7.20 -20.29 -2.82
N ARG A 62 -5.91 -20.05 -2.59
CA ARG A 62 -5.48 -19.03 -1.65
C ARG A 62 -5.89 -17.65 -2.17
N GLN A 63 -5.79 -17.48 -3.48
CA GLN A 63 -6.15 -16.21 -4.08
C GLN A 63 -7.62 -15.89 -3.78
N LYS A 64 -8.46 -16.94 -3.75
CA LYS A 64 -9.87 -16.77 -3.45
C LYS A 64 -10.06 -16.28 -2.01
N GLU A 65 -9.39 -16.94 -1.07
CA GLU A 65 -9.48 -16.57 0.35
C GLU A 65 -9.12 -15.09 0.51
N VAL A 66 -7.98 -14.73 -0.06
CA VAL A 66 -7.47 -13.37 0.01
C VAL A 66 -8.45 -12.35 -0.57
N SER A 67 -9.02 -12.66 -1.73
CA SER A 67 -9.96 -11.76 -2.37
C SER A 67 -11.17 -11.47 -1.50
N GLU A 68 -11.67 -12.50 -0.83
CA GLU A 68 -12.83 -12.32 0.04
C GLU A 68 -12.52 -11.44 1.25
N GLU A 69 -11.24 -11.35 1.61
CA GLU A 69 -10.82 -10.50 2.73
C GLU A 69 -10.29 -9.17 2.21
N ASN A 70 -10.30 -8.98 0.90
CA ASN A 70 -9.78 -7.76 0.30
C ASN A 70 -10.78 -7.10 -0.62
N HIS A 71 -12.06 -7.17 -0.26
CA HIS A 71 -13.13 -6.58 -1.05
C HIS A 71 -13.12 -7.08 -2.49
N ASN A 72 -12.92 -8.38 -2.62
CA ASN A 72 -12.90 -9.07 -3.91
C ASN A 72 -11.80 -8.70 -4.89
N HIS A 73 -10.68 -8.23 -4.37
CA HIS A 73 -9.53 -7.91 -5.20
C HIS A 73 -8.40 -8.80 -4.68
N HIS A 74 -7.91 -9.75 -5.47
CA HIS A 74 -6.81 -10.58 -4.96
C HIS A 74 -5.50 -9.84 -5.12
N ASN A 75 -5.54 -8.78 -5.92
CA ASN A 75 -4.39 -7.92 -6.14
C ASN A 75 -3.13 -8.70 -6.49
N GLU A 76 -3.12 -9.28 -7.68
CA GLU A 76 -1.99 -10.09 -8.14
C GLU A 76 -0.94 -9.21 -8.82
N ARG A 77 0.32 -9.57 -8.66
CA ARG A 77 1.41 -8.78 -9.24
C ARG A 77 2.52 -9.67 -9.76
N MET A 78 3.11 -9.28 -10.89
CA MET A 78 4.21 -10.04 -11.47
C MET A 78 5.50 -9.44 -10.92
N LEU A 79 6.27 -10.25 -10.19
CA LEU A 79 7.50 -9.76 -9.58
C LEU A 79 8.61 -10.80 -9.71
N PHE A 80 9.85 -10.36 -9.46
CA PHE A 80 11.02 -11.22 -9.54
C PHE A 80 11.44 -11.75 -8.18
N HIS A 81 12.04 -12.94 -8.19
CA HIS A 81 12.56 -13.54 -6.98
C HIS A 81 13.83 -14.30 -7.34
N GLY A 82 14.87 -14.10 -6.54
CA GLY A 82 16.12 -14.78 -6.77
C GLY A 82 16.62 -15.33 -5.44
N SER A 83 17.07 -16.58 -5.44
CA SER A 83 17.59 -17.22 -4.23
C SER A 83 18.13 -18.59 -4.59
N PRO A 84 18.93 -19.18 -3.70
CA PRO A 84 19.51 -20.52 -3.95
C PRO A 84 18.48 -21.65 -3.91
N PHE A 85 17.22 -21.31 -3.61
CA PHE A 85 16.16 -22.32 -3.49
C PHE A 85 15.30 -22.51 -4.75
N ILE A 86 15.65 -21.84 -5.83
CA ILE A 86 14.82 -21.92 -7.05
C ILE A 86 14.48 -23.31 -7.60
N ASN A 87 15.44 -24.22 -7.67
CA ASN A 87 15.11 -25.54 -8.21
C ASN A 87 14.07 -26.25 -7.35
N ALA A 88 14.18 -26.07 -6.04
CA ALA A 88 13.23 -26.72 -5.13
C ALA A 88 11.87 -26.07 -5.26
N ILE A 89 11.86 -24.75 -5.40
CA ILE A 89 10.62 -23.99 -5.54
C ILE A 89 9.81 -24.37 -6.78
N ILE A 90 10.48 -24.49 -7.93
CA ILE A 90 9.74 -24.81 -9.15
C ILE A 90 9.14 -26.21 -9.12
N HIS A 91 9.65 -27.07 -8.24
CA HIS A 91 9.11 -28.41 -8.15
C HIS A 91 8.06 -28.60 -7.06
N LYS A 92 8.17 -27.86 -5.96
CA LYS A 92 7.22 -28.00 -4.86
C LYS A 92 6.39 -26.75 -4.54
N GLY A 93 6.77 -25.63 -5.15
CA GLY A 93 6.09 -24.38 -4.88
C GLY A 93 6.85 -23.70 -3.74
N PHE A 94 6.57 -22.42 -3.51
CA PHE A 94 7.23 -21.69 -2.43
C PHE A 94 6.80 -22.25 -1.07
N ASP A 95 7.70 -22.19 -0.10
CA ASP A 95 7.43 -22.71 1.24
C ASP A 95 7.98 -21.74 2.29
N GLU A 96 7.09 -21.04 2.97
CA GLU A 96 7.50 -20.06 3.97
C GLU A 96 8.25 -20.68 5.16
N ARG A 97 8.26 -22.00 5.25
CA ARG A 97 8.97 -22.66 6.33
C ARG A 97 10.48 -22.49 6.19
N HIS A 98 10.92 -22.08 5.00
CA HIS A 98 12.32 -21.86 4.73
C HIS A 98 12.68 -20.38 4.88
N ALA A 99 11.75 -19.61 5.43
CA ALA A 99 11.95 -18.18 5.65
C ALA A 99 12.16 -17.96 7.15
N TYR A 100 13.22 -17.25 7.49
CA TYR A 100 13.54 -17.01 8.90
C TYR A 100 13.82 -15.53 9.20
N ILE A 101 13.58 -15.11 10.43
CA ILE A 101 13.86 -13.74 10.85
C ILE A 101 15.35 -13.73 11.14
N GLY A 102 16.06 -12.74 10.58
CA GLY A 102 17.49 -12.66 10.81
C GLY A 102 18.05 -11.61 9.88
N GLY A 103 19.03 -10.85 10.33
CA GLY A 103 19.61 -9.83 9.47
C GLY A 103 18.58 -8.79 9.06
N MET A 104 18.57 -8.45 7.77
CA MET A 104 17.64 -7.46 7.22
C MET A 104 16.31 -8.02 6.76
N PHE A 105 16.05 -9.29 7.07
CA PHE A 105 14.83 -9.92 6.60
C PHE A 105 13.94 -10.58 7.63
N GLY A 106 12.64 -10.47 7.43
CA GLY A 106 11.68 -11.10 8.32
C GLY A 106 11.47 -12.52 7.83
N ALA A 107 10.54 -13.26 8.45
CA ALA A 107 10.29 -14.63 8.05
C ALA A 107 9.30 -14.72 6.90
N GLY A 108 9.64 -14.06 5.80
CA GLY A 108 8.79 -14.08 4.62
C GLY A 108 9.61 -14.26 3.36
N ILE A 109 8.91 -14.36 2.22
CA ILE A 109 9.55 -14.52 0.93
C ILE A 109 9.50 -13.15 0.25
N TYR A 110 10.66 -12.66 -0.16
CA TYR A 110 10.78 -11.35 -0.76
C TYR A 110 10.81 -11.37 -2.29
N PHE A 111 10.18 -10.36 -2.89
CA PHE A 111 10.11 -10.21 -4.34
C PHE A 111 10.47 -8.78 -4.73
N ALA A 112 10.95 -8.59 -5.96
CA ALA A 112 11.35 -7.27 -6.42
C ALA A 112 10.78 -6.91 -7.78
N GLU A 113 10.56 -5.62 -8.01
CA GLU A 113 10.07 -5.19 -9.30
C GLU A 113 11.24 -5.20 -10.27
N ASN A 114 12.45 -5.01 -9.73
CA ASN A 114 13.66 -4.97 -10.55
C ASN A 114 14.44 -6.28 -10.58
N SER A 115 14.68 -6.80 -11.77
CA SER A 115 15.42 -8.04 -11.92
C SER A 115 16.79 -7.95 -11.27
N SER A 116 17.46 -6.81 -11.45
CA SER A 116 18.79 -6.62 -10.90
C SER A 116 18.83 -6.76 -9.38
N LYS A 117 17.72 -6.46 -8.71
CA LYS A 117 17.68 -6.60 -7.27
C LYS A 117 17.68 -8.09 -6.92
N SER A 118 16.81 -8.84 -7.58
CA SER A 118 16.73 -10.27 -7.36
C SER A 118 18.04 -10.96 -7.75
N ASN A 119 18.75 -10.39 -8.71
CA ASN A 119 20.01 -10.98 -9.13
C ASN A 119 21.01 -10.95 -7.98
N GLN A 120 20.86 -9.96 -7.09
CA GLN A 120 21.78 -9.83 -5.96
C GLN A 120 21.63 -10.97 -4.96
N TYR A 121 20.56 -11.77 -5.09
CA TYR A 121 20.32 -12.84 -4.14
C TYR A 121 20.40 -14.25 -4.71
N VAL A 122 20.72 -14.36 -6.00
CA VAL A 122 20.82 -15.65 -6.65
C VAL A 122 21.76 -16.61 -5.92
N TYR A 123 22.88 -16.10 -5.41
CA TYR A 123 23.83 -16.95 -4.70
C TYR A 123 23.80 -16.79 -3.18
N GLY A 124 22.75 -16.14 -2.68
CA GLY A 124 22.62 -15.94 -1.25
C GLY A 124 22.58 -14.46 -0.89
N ILE A 125 22.26 -14.18 0.36
CA ILE A 125 22.16 -12.81 0.87
C ILE A 125 23.44 -12.02 0.62
N GLY A 126 23.33 -10.90 -0.11
CA GLY A 126 24.51 -10.09 -0.39
C GLY A 126 25.39 -10.74 -1.44
N GLY A 127 24.84 -11.72 -2.16
CA GLY A 127 25.61 -12.41 -3.18
C GLY A 127 26.41 -13.59 -2.64
N GLY A 128 26.34 -13.79 -1.33
CA GLY A 128 27.07 -14.90 -0.73
C GLY A 128 28.52 -14.87 -1.15
N THR A 129 29.07 -16.04 -1.49
CA THR A 129 30.45 -16.16 -1.93
C THR A 129 30.50 -16.31 -3.44
N GLY A 130 29.41 -15.93 -4.10
CA GLY A 130 29.35 -16.02 -5.55
C GLY A 130 29.01 -17.40 -6.07
N CYS A 131 29.29 -17.63 -7.35
CA CYS A 131 29.01 -18.91 -7.99
C CYS A 131 29.75 -20.04 -7.29
N PRO A 132 29.17 -21.24 -7.29
CA PRO A 132 29.83 -22.39 -6.64
C PRO A 132 31.20 -22.75 -7.23
N THR A 133 31.30 -22.69 -8.56
CA THR A 133 32.54 -23.04 -9.24
C THR A 133 33.73 -22.10 -9.11
N HIS A 134 33.49 -20.80 -9.23
CA HIS A 134 34.58 -19.83 -9.15
C HIS A 134 34.52 -18.89 -7.94
N LYS A 135 33.47 -19.02 -7.13
CA LYS A 135 33.29 -18.17 -5.96
C LYS A 135 33.41 -16.71 -6.38
N ASP A 136 32.77 -16.38 -7.50
CA ASP A 136 32.78 -15.03 -8.07
C ASP A 136 31.36 -14.49 -8.12
N ARG A 137 31.08 -13.46 -7.33
CA ARG A 137 29.74 -12.89 -7.33
C ARG A 137 29.44 -12.24 -8.68
N SER A 138 30.49 -11.87 -9.40
CA SER A 138 30.30 -11.26 -10.70
C SER A 138 30.69 -12.22 -11.82
N CYS A 139 30.46 -13.51 -11.60
CA CYS A 139 30.82 -14.49 -12.61
C CYS A 139 30.03 -14.30 -13.90
N TYR A 140 30.72 -14.27 -15.03
CA TYR A 140 30.10 -14.10 -16.34
C TYR A 140 30.01 -15.46 -17.04
N ILE A 141 30.52 -16.50 -16.38
CA ILE A 141 30.52 -17.84 -16.93
C ILE A 141 29.31 -18.67 -16.50
N CYS A 142 29.16 -18.85 -15.19
CA CYS A 142 28.07 -19.65 -14.64
C CYS A 142 26.67 -19.12 -14.90
N HIS A 143 25.77 -20.05 -15.20
CA HIS A 143 24.38 -19.73 -15.48
C HIS A 143 23.61 -19.52 -14.19
N ARG A 144 22.88 -18.42 -14.14
CA ARG A 144 22.07 -18.09 -12.98
C ARG A 144 20.61 -18.34 -13.32
N GLN A 145 19.77 -18.44 -12.30
CA GLN A 145 18.35 -18.62 -12.52
C GLN A 145 17.58 -17.66 -11.63
N MET A 146 16.46 -17.17 -12.12
CA MET A 146 15.61 -16.31 -11.31
C MET A 146 14.18 -16.57 -11.74
N LEU A 147 13.24 -16.28 -10.85
CA LEU A 147 11.84 -16.53 -11.13
C LEU A 147 11.05 -15.25 -11.36
N PHE A 148 10.11 -15.31 -12.29
CA PHE A 148 9.22 -14.18 -12.56
C PHE A 148 7.89 -14.83 -12.14
N CYS A 149 7.39 -14.42 -10.98
CA CYS A 149 6.18 -15.03 -10.43
C CYS A 149 4.93 -14.19 -10.33
N ARG A 150 3.81 -14.87 -10.14
CA ARG A 150 2.53 -14.20 -9.96
C ARG A 150 2.48 -14.14 -8.45
N VAL A 151 2.31 -12.94 -7.91
CA VAL A 151 2.26 -12.81 -6.47
C VAL A 151 0.96 -12.23 -6.00
N THR A 152 0.28 -12.97 -5.13
CA THR A 152 -0.98 -12.53 -4.57
C THR A 152 -0.63 -11.65 -3.36
N LEU A 153 -0.85 -10.35 -3.49
CA LEU A 153 -0.55 -9.41 -2.41
C LEU A 153 -1.76 -9.10 -1.52
N GLY A 154 -2.96 -9.20 -2.08
CA GLY A 154 -4.14 -8.89 -1.30
C GLY A 154 -3.98 -7.52 -0.69
N LYS A 155 -4.33 -7.38 0.59
CA LYS A 155 -4.20 -6.09 1.24
C LYS A 155 -2.78 -5.99 1.79
N SER A 156 -1.99 -5.07 1.24
CA SER A 156 -0.61 -4.90 1.70
C SER A 156 -0.47 -3.85 2.80
N PHE A 157 0.34 -4.15 3.80
CA PHE A 157 0.61 -3.21 4.87
C PHE A 157 1.94 -2.57 4.53
N LEU A 158 2.00 -1.24 4.51
CA LEU A 158 3.24 -0.55 4.17
C LEU A 158 4.05 -0.19 5.42
N GLN A 159 5.36 -0.39 5.34
CA GLN A 159 6.28 -0.05 6.44
C GLN A 159 7.71 0.14 5.94
N PHE A 160 8.59 0.68 6.78
CA PHE A 160 9.98 0.93 6.37
C PHE A 160 10.93 -0.23 6.62
N SER A 161 10.77 -0.93 7.72
CA SER A 161 11.59 -2.10 8.00
C SER A 161 10.70 -3.32 8.11
N THR A 162 11.20 -4.47 7.64
CA THR A 162 10.42 -5.70 7.63
C THR A 162 11.16 -6.85 8.31
N MET A 163 12.35 -6.56 8.83
CA MET A 163 13.20 -7.59 9.44
C MET A 163 12.71 -8.36 10.65
N LYS A 164 11.62 -7.93 11.28
CA LYS A 164 11.12 -8.64 12.46
C LYS A 164 9.73 -9.22 12.28
N MET A 165 9.29 -9.31 11.03
CA MET A 165 7.95 -9.81 10.76
C MET A 165 7.87 -11.34 10.68
N ALA A 166 6.84 -11.92 11.30
CA ALA A 166 6.63 -13.37 11.26
C ALA A 166 5.46 -13.66 10.33
N HIS A 167 4.46 -12.77 10.33
CA HIS A 167 3.28 -12.91 9.48
C HIS A 167 2.82 -11.51 9.08
N ALA A 168 1.86 -11.42 8.17
CA ALA A 168 1.35 -10.13 7.77
C ALA A 168 0.49 -9.63 8.94
N PRO A 169 0.38 -8.31 9.10
CA PRO A 169 -0.44 -7.77 10.20
C PRO A 169 -1.89 -8.23 10.05
N PRO A 170 -2.67 -8.17 11.14
CA PRO A 170 -4.06 -8.59 11.07
C PRO A 170 -4.79 -7.85 9.95
N GLY A 171 -5.66 -8.53 9.24
CA GLY A 171 -6.40 -7.91 8.16
C GLY A 171 -5.61 -7.81 6.86
N HIS A 172 -4.30 -8.07 6.92
CA HIS A 172 -3.47 -7.98 5.74
C HIS A 172 -2.94 -9.32 5.21
N HIS A 173 -2.45 -9.30 3.97
CA HIS A 173 -1.94 -10.52 3.33
C HIS A 173 -0.52 -10.41 2.82
N SER A 174 0.04 -9.21 2.89
CA SER A 174 1.41 -8.99 2.44
C SER A 174 1.95 -7.73 3.11
N VAL A 175 3.27 -7.57 3.04
CA VAL A 175 3.92 -6.43 3.61
C VAL A 175 4.84 -5.87 2.54
N ILE A 176 4.84 -4.55 2.38
CA ILE A 176 5.71 -3.94 1.40
C ILE A 176 6.69 -3.01 2.10
N GLY A 177 7.97 -3.34 1.96
CA GLY A 177 9.01 -2.51 2.54
C GLY A 177 9.18 -1.35 1.59
N ARG A 178 8.86 -0.15 2.04
CA ARG A 178 8.98 1.03 1.20
C ARG A 178 10.28 1.78 1.45
N PRO A 179 10.79 2.45 0.41
CA PRO A 179 12.05 3.20 0.53
C PRO A 179 12.02 4.38 1.49
N SER A 180 13.19 4.62 2.10
CA SER A 180 13.38 5.73 3.03
C SER A 180 14.84 6.12 2.90
N VAL A 181 15.17 7.34 3.32
CA VAL A 181 16.54 7.85 3.22
C VAL A 181 17.58 7.07 4.02
N ASN A 182 17.19 6.59 5.21
CA ASN A 182 18.11 5.84 6.04
C ASN A 182 17.80 4.34 5.96
N GLY A 183 17.14 3.95 4.88
CA GLY A 183 16.78 2.55 4.72
C GLY A 183 16.80 2.02 3.30
N LEU A 184 15.71 1.35 2.92
CA LEU A 184 15.60 0.77 1.58
C LEU A 184 15.73 1.73 0.41
N ALA A 185 16.28 1.24 -0.70
CA ALA A 185 16.44 2.05 -1.89
C ALA A 185 15.24 1.82 -2.79
N TYR A 186 14.73 0.59 -2.78
CA TYR A 186 13.58 0.21 -3.58
C TYR A 186 12.59 -0.59 -2.73
N ALA A 187 11.35 -0.69 -3.22
CA ALA A 187 10.32 -1.41 -2.52
C ALA A 187 10.53 -2.92 -2.59
N GLU A 188 10.23 -3.61 -1.49
CA GLU A 188 10.35 -5.05 -1.47
C GLU A 188 8.99 -5.62 -1.07
N TYR A 189 8.51 -6.57 -1.86
CA TYR A 189 7.21 -7.21 -1.62
C TYR A 189 7.42 -8.50 -0.86
N VAL A 190 6.72 -8.63 0.26
CA VAL A 190 6.87 -9.79 1.12
C VAL A 190 5.56 -10.52 1.39
N ILE A 191 5.59 -11.84 1.28
CA ILE A 191 4.42 -12.65 1.59
C ILE A 191 4.89 -13.64 2.66
N TYR A 192 3.97 -14.13 3.48
CA TYR A 192 4.32 -15.04 4.57
C TYR A 192 3.64 -16.40 4.45
N ARG A 193 3.15 -16.69 3.25
CA ARG A 193 2.49 -17.95 2.91
C ARG A 193 2.98 -18.32 1.52
N GLY A 194 3.67 -19.45 1.41
CA GLY A 194 4.20 -19.85 0.12
C GLY A 194 3.17 -19.87 -1.00
N GLU A 195 1.94 -20.26 -0.68
CA GLU A 195 0.89 -20.35 -1.70
C GLU A 195 0.46 -19.00 -2.28
N GLN A 196 1.06 -17.91 -1.83
CA GLN A 196 0.70 -16.60 -2.36
C GLN A 196 1.59 -16.17 -3.51
N ALA A 197 2.33 -17.15 -4.05
CA ALA A 197 3.21 -16.88 -5.18
C ALA A 197 3.26 -18.10 -6.09
N TYR A 198 3.20 -17.86 -7.39
CA TYR A 198 3.26 -18.95 -8.36
C TYR A 198 4.49 -18.69 -9.23
N PRO A 199 5.43 -19.63 -9.27
CA PRO A 199 6.63 -19.45 -10.10
C PRO A 199 6.30 -19.64 -11.57
N GLU A 200 5.72 -18.61 -12.18
CA GLU A 200 5.31 -18.64 -13.58
C GLU A 200 6.42 -18.95 -14.58
N TYR A 201 7.51 -18.20 -14.49
CA TYR A 201 8.62 -18.35 -15.42
C TYR A 201 9.95 -18.60 -14.75
N LEU A 202 10.70 -19.54 -15.30
CA LEU A 202 12.03 -19.87 -14.82
C LEU A 202 12.97 -19.33 -15.89
N ILE A 203 13.75 -18.32 -15.51
CA ILE A 203 14.69 -17.67 -16.42
C ILE A 203 16.12 -18.11 -16.14
N THR A 204 16.77 -18.65 -17.17
CA THR A 204 18.16 -19.07 -17.06
C THR A 204 18.95 -17.99 -17.80
N TYR A 205 19.97 -17.44 -17.15
CA TYR A 205 20.72 -16.36 -17.76
C TYR A 205 22.12 -16.19 -17.19
N GLN A 206 22.85 -15.24 -17.76
CA GLN A 206 24.19 -14.88 -17.32
C GLN A 206 24.18 -13.37 -17.32
N ILE A 207 24.97 -12.76 -16.44
CA ILE A 207 25.07 -11.30 -16.48
C ILE A 207 26.18 -11.16 -17.51
N MET A 208 26.16 -10.10 -18.30
CA MET A 208 27.19 -9.90 -19.30
C MET A 208 28.12 -8.79 -18.89
N LYS A 209 29.40 -8.97 -19.16
CA LYS A 209 30.38 -7.96 -18.80
C LYS A 209 30.11 -6.71 -19.62
N PRO A 210 30.43 -5.53 -19.08
CA PRO A 210 30.21 -4.28 -19.82
C PRO A 210 31.08 -4.32 -21.07
N GLU A 211 30.57 -3.84 -22.19
CA GLU A 211 31.33 -3.86 -23.45
C GLU A 211 32.37 -2.74 -23.55
N HIS A 212 33.52 -3.06 -24.12
CA HIS A 212 34.60 -2.09 -24.30
C HIS A 212 34.43 -1.34 -25.61
N GLY B 2 -28.03 20.62 -6.79
CA GLY B 2 -27.07 20.75 -5.66
C GLY B 2 -27.09 19.55 -4.73
N THR B 3 -26.56 19.73 -3.51
CA THR B 3 -26.51 18.65 -2.55
C THR B 3 -27.84 18.52 -1.82
N ILE B 4 -28.20 17.29 -1.48
CA ILE B 4 -29.41 16.98 -0.72
C ILE B 4 -28.94 16.09 0.43
N LEU B 5 -29.29 16.45 1.66
CA LEU B 5 -28.87 15.63 2.79
C LEU B 5 -30.00 14.69 3.23
N LEU B 6 -29.70 13.40 3.22
CA LEU B 6 -30.66 12.39 3.62
C LEU B 6 -30.37 11.95 5.04
N ASP B 7 -31.39 11.98 5.88
CA ASP B 7 -31.22 11.55 7.26
C ASP B 7 -31.31 10.04 7.33
N LEU B 8 -30.43 9.44 8.11
CA LEU B 8 -30.44 7.99 8.33
C LEU B 8 -31.13 7.72 9.65
N ALA B 9 -31.87 6.62 9.74
CA ALA B 9 -32.57 6.26 10.96
C ALA B 9 -31.69 5.40 11.85
N PRO B 10 -31.76 5.61 13.17
CA PRO B 10 -30.96 4.83 14.12
C PRO B 10 -31.20 3.33 13.95
N GLU B 11 -32.40 2.98 13.49
CA GLU B 11 -32.75 1.57 13.29
C GLU B 11 -32.03 1.01 12.08
N ASP B 12 -31.55 1.89 11.21
CA ASP B 12 -30.83 1.56 9.98
C ASP B 12 -29.47 0.90 10.20
N LYS B 13 -29.21 -0.22 9.52
CA LYS B 13 -27.91 -0.88 9.66
C LYS B 13 -26.78 0.05 9.19
N GLU B 14 -27.09 0.91 8.21
CA GLU B 14 -26.09 1.84 7.68
C GLU B 14 -25.72 2.90 8.73
N TYR B 15 -26.72 3.35 9.49
CA TYR B 15 -26.49 4.34 10.54
C TYR B 15 -25.60 3.71 11.59
N GLN B 16 -25.98 2.52 12.03
CA GLN B 16 -25.24 1.78 13.05
C GLN B 16 -23.79 1.49 12.69
N SER B 17 -23.56 1.13 11.42
CA SER B 17 -22.22 0.83 10.96
C SER B 17 -21.33 2.06 11.02
N VAL B 18 -21.88 3.21 10.67
CA VAL B 18 -21.13 4.47 10.70
C VAL B 18 -20.82 4.86 12.14
N GLU B 19 -21.84 4.79 13.00
CA GLU B 19 -21.61 5.16 14.39
C GLU B 19 -20.61 4.28 15.12
N GLU B 20 -20.62 2.98 14.82
CA GLU B 20 -19.69 2.06 15.46
C GLU B 20 -18.26 2.33 15.04
N GLU B 21 -18.07 2.66 13.76
CA GLU B 21 -16.72 2.96 13.27
C GLU B 21 -16.25 4.25 13.94
N MET B 22 -17.17 5.18 14.15
CA MET B 22 -16.80 6.43 14.81
C MET B 22 -16.48 6.23 16.29
N GLN B 23 -17.37 5.54 16.99
CA GLN B 23 -17.18 5.29 18.41
C GLN B 23 -15.99 4.37 18.71
N SER B 24 -15.80 3.35 17.88
CA SER B 24 -14.74 2.38 18.10
C SER B 24 -13.33 2.84 17.76
N THR B 25 -13.20 3.88 16.95
CA THR B 25 -11.89 4.38 16.59
C THR B 25 -11.43 5.55 17.45
N ILE B 26 -12.10 5.75 18.59
CA ILE B 26 -11.69 6.80 19.52
C ILE B 26 -10.40 6.33 20.15
N ARG B 27 -9.36 7.15 20.12
CA ARG B 27 -8.10 6.74 20.73
C ARG B 27 -7.50 7.83 21.60
N GLU B 28 -6.54 7.44 22.44
CA GLU B 28 -5.87 8.38 23.32
C GLU B 28 -4.86 9.20 22.51
N HIS B 29 -4.86 10.50 22.73
CA HIS B 29 -3.94 11.37 22.01
C HIS B 29 -2.80 11.86 22.88
N ARG B 30 -1.67 12.12 22.24
CA ARG B 30 -0.48 12.59 22.92
C ARG B 30 -0.71 13.86 23.72
N ASP B 31 -1.49 14.78 23.16
CA ASP B 31 -1.78 16.06 23.81
C ASP B 31 -2.66 15.98 25.04
N GLY B 32 -2.93 14.77 25.50
CA GLY B 32 -3.76 14.60 26.68
C GLY B 32 -5.21 14.98 26.50
N GLY B 33 -5.55 15.54 25.34
CA GLY B 33 -6.92 15.95 25.07
C GLY B 33 -7.07 17.45 24.91
N ASN B 34 -5.95 18.16 24.86
CA ASN B 34 -5.97 19.62 24.72
C ASN B 34 -6.69 20.12 23.47
N ALA B 35 -6.46 19.46 22.34
CA ALA B 35 -7.05 19.87 21.07
C ALA B 35 -8.50 19.44 20.85
N GLY B 36 -8.81 18.17 21.05
CA GLY B 36 -10.16 17.68 20.82
C GLY B 36 -11.06 17.60 22.04
N GLY B 37 -10.50 17.83 23.22
CA GLY B 37 -11.27 17.77 24.44
C GLY B 37 -11.13 16.44 25.15
N ILE B 38 -11.73 16.35 26.34
CA ILE B 38 -11.67 15.16 27.16
C ILE B 38 -12.98 14.38 27.10
N PHE B 39 -12.94 13.14 26.63
CA PHE B 39 -14.14 12.33 26.50
C PHE B 39 -13.78 10.87 26.24
N ASN B 40 -14.75 9.99 26.48
CA ASN B 40 -14.54 8.55 26.27
C ASN B 40 -15.50 8.06 25.17
N ARG B 41 -16.52 8.85 24.87
CA ARG B 41 -17.47 8.51 23.82
C ARG B 41 -18.10 9.76 23.25
N TYR B 42 -18.83 9.58 22.16
CA TYR B 42 -19.53 10.68 21.50
C TYR B 42 -21.00 10.45 21.67
N ASN B 43 -21.78 11.52 21.52
CA ASN B 43 -23.21 11.36 21.51
C ASN B 43 -23.51 11.73 20.07
N VAL B 44 -23.73 10.69 19.25
CA VAL B 44 -24.04 10.88 17.84
C VAL B 44 -25.53 11.17 17.77
N ILE B 45 -25.86 12.39 17.37
CA ILE B 45 -27.25 12.84 17.30
C ILE B 45 -27.81 12.97 15.89
N ARG B 46 -26.98 12.71 14.89
CA ARG B 46 -27.46 12.79 13.52
C ARG B 46 -26.44 12.31 12.50
N ILE B 47 -26.92 11.51 11.55
CA ILE B 47 -26.05 11.02 10.48
C ILE B 47 -26.81 11.19 9.19
N GLN B 48 -26.24 12.02 8.31
CA GLN B 48 -26.86 12.32 7.04
C GLN B 48 -26.00 11.91 5.86
N LYS B 49 -26.65 11.35 4.84
CA LYS B 49 -25.96 10.94 3.64
C LYS B 49 -25.98 12.12 2.70
N VAL B 50 -24.80 12.47 2.20
CA VAL B 50 -24.65 13.60 1.29
C VAL B 50 -24.87 13.12 -0.15
N VAL B 51 -25.95 13.59 -0.76
CA VAL B 51 -26.27 13.21 -2.12
C VAL B 51 -26.12 14.36 -3.10
N ASN B 52 -25.20 14.19 -4.05
CA ASN B 52 -24.95 15.20 -5.07
C ASN B 52 -24.45 14.46 -6.31
N LYS B 53 -25.29 14.40 -7.35
CA LYS B 53 -24.93 13.71 -8.57
C LYS B 53 -23.66 14.18 -9.24
N LYS B 54 -23.60 15.45 -9.58
CA LYS B 54 -22.41 15.97 -10.24
C LYS B 54 -21.14 15.75 -9.43
N LEU B 55 -21.22 15.90 -8.11
CA LEU B 55 -20.04 15.68 -7.29
C LEU B 55 -19.65 14.22 -7.39
N ARG B 56 -20.65 13.34 -7.32
CA ARG B 56 -20.42 11.91 -7.41
C ARG B 56 -19.78 11.57 -8.76
N GLU B 57 -20.22 12.25 -9.82
CA GLU B 57 -19.66 12.02 -11.16
C GLU B 57 -18.18 12.36 -11.07
N ARG B 58 -17.91 13.52 -10.49
CA ARG B 58 -16.55 14.03 -10.34
C ARG B 58 -15.66 12.97 -9.67
N PHE B 59 -16.16 12.46 -8.55
CA PHE B 59 -15.45 11.46 -7.76
C PHE B 59 -15.22 10.15 -8.51
N CYS B 60 -16.27 9.64 -9.16
CA CYS B 60 -16.16 8.38 -9.89
C CYS B 60 -15.27 8.47 -11.13
N HIS B 61 -15.27 9.62 -11.79
CA HIS B 61 -14.44 9.80 -12.96
C HIS B 61 -12.96 9.66 -12.58
N ARG B 62 -12.56 10.37 -11.54
CA ARG B 62 -11.18 10.35 -11.08
C ARG B 62 -10.79 8.98 -10.53
N GLN B 63 -11.74 8.29 -9.94
CA GLN B 63 -11.46 6.98 -9.38
C GLN B 63 -11.07 6.02 -10.50
N LYS B 64 -11.79 6.09 -11.60
CA LYS B 64 -11.50 5.25 -12.75
C LYS B 64 -10.11 5.58 -13.26
N GLU B 65 -9.76 6.86 -13.24
CA GLU B 65 -8.44 7.28 -13.71
C GLU B 65 -7.34 6.70 -12.83
N VAL B 66 -7.56 6.72 -11.52
CA VAL B 66 -6.56 6.17 -10.60
C VAL B 66 -6.45 4.65 -10.76
N SER B 67 -7.58 3.96 -10.90
CA SER B 67 -7.56 2.51 -11.07
C SER B 67 -6.67 2.14 -12.25
N GLU B 68 -6.92 2.81 -13.37
CA GLU B 68 -6.17 2.59 -14.61
C GLU B 68 -4.68 2.86 -14.44
N GLU B 69 -4.36 3.72 -13.48
CA GLU B 69 -2.97 4.06 -13.23
C GLU B 69 -2.34 3.08 -12.24
N ASN B 70 -3.17 2.47 -11.43
CA ASN B 70 -2.67 1.56 -10.39
C ASN B 70 -3.22 0.12 -10.48
N HIS B 71 -2.80 -0.61 -11.50
CA HIS B 71 -3.22 -2.00 -11.72
C HIS B 71 -4.70 -2.25 -11.53
N ASN B 72 -5.50 -1.27 -11.94
CA ASN B 72 -6.95 -1.35 -11.84
C ASN B 72 -7.48 -1.44 -10.41
N HIS B 73 -6.71 -0.90 -9.46
CA HIS B 73 -7.12 -0.90 -8.06
C HIS B 73 -7.16 0.56 -7.60
N HIS B 74 -8.35 1.09 -7.33
CA HIS B 74 -8.44 2.47 -6.89
C HIS B 74 -8.15 2.61 -5.39
N ASN B 75 -8.23 1.49 -4.67
CA ASN B 75 -7.97 1.45 -3.23
C ASN B 75 -8.75 2.46 -2.42
N GLU B 76 -10.05 2.54 -2.65
CA GLU B 76 -10.86 3.47 -1.91
C GLU B 76 -10.93 3.00 -0.46
N ARG B 77 -10.89 3.95 0.48
CA ARG B 77 -11.00 3.63 1.89
C ARG B 77 -11.94 4.62 2.54
N MET B 78 -12.61 4.18 3.59
CA MET B 78 -13.51 5.05 4.31
C MET B 78 -12.67 5.70 5.40
N LEU B 79 -12.59 7.03 5.38
CA LEU B 79 -11.78 7.76 6.36
C LEU B 79 -12.51 8.98 6.91
N PHE B 80 -12.08 9.44 8.08
CA PHE B 80 -12.69 10.60 8.72
C PHE B 80 -11.97 11.90 8.39
N HIS B 81 -12.72 12.98 8.33
CA HIS B 81 -12.16 14.29 8.09
C HIS B 81 -12.88 15.32 8.94
N GLY B 82 -12.11 16.19 9.58
CA GLY B 82 -12.69 17.24 10.39
C GLY B 82 -11.98 18.55 10.08
N SER B 83 -12.74 19.62 9.89
CA SER B 83 -12.16 20.93 9.62
C SER B 83 -13.28 21.98 9.59
N PRO B 84 -12.92 23.26 9.66
CA PRO B 84 -13.94 24.31 9.64
C PRO B 84 -14.58 24.49 8.26
N PHE B 85 -14.19 23.64 7.30
CA PHE B 85 -14.69 23.73 5.93
C PHE B 85 -15.81 22.77 5.56
N ILE B 86 -16.26 21.96 6.50
CA ILE B 86 -17.29 20.97 6.22
C ILE B 86 -18.50 21.46 5.44
N ASN B 87 -19.09 22.57 5.87
CA ASN B 87 -20.28 23.04 5.18
C ASN B 87 -19.96 23.40 3.72
N ALA B 88 -18.80 23.99 3.48
CA ALA B 88 -18.43 24.35 2.12
C ALA B 88 -18.22 23.05 1.34
N ILE B 89 -17.60 22.07 2.00
CA ILE B 89 -17.30 20.78 1.41
C ILE B 89 -18.51 19.96 0.97
N ILE B 90 -19.55 19.88 1.78
CA ILE B 90 -20.70 19.08 1.39
C ILE B 90 -21.50 19.68 0.24
N HIS B 91 -21.35 20.98 0.01
CA HIS B 91 -22.07 21.59 -1.09
C HIS B 91 -21.24 21.66 -2.35
N LYS B 92 -19.93 21.84 -2.20
CA LYS B 92 -19.05 21.97 -3.35
C LYS B 92 -18.00 20.88 -3.51
N GLY B 93 -17.91 19.97 -2.55
CA GLY B 93 -16.92 18.92 -2.62
C GLY B 93 -15.56 19.42 -2.15
N PHE B 94 -14.63 18.50 -1.90
CA PHE B 94 -13.29 18.87 -1.47
C PHE B 94 -12.63 19.60 -2.64
N ASP B 95 -11.80 20.59 -2.32
CA ASP B 95 -11.15 21.39 -3.34
C ASP B 95 -9.77 21.74 -2.80
N GLU B 96 -8.74 21.10 -3.37
CA GLU B 96 -7.37 21.33 -2.92
C GLU B 96 -6.88 22.75 -3.11
N ARG B 97 -7.64 23.57 -3.83
CA ARG B 97 -7.26 24.95 -4.04
C ARG B 97 -7.32 25.71 -2.72
N HIS B 98 -7.95 25.10 -1.71
CA HIS B 98 -8.05 25.71 -0.40
C HIS B 98 -7.05 25.07 0.55
N ALA B 99 -6.17 24.25 -0.01
CA ALA B 99 -5.13 23.56 0.75
C ALA B 99 -3.80 24.26 0.48
N TYR B 100 -3.08 24.62 1.54
CA TYR B 100 -1.81 25.33 1.38
C TYR B 100 -0.66 24.75 2.20
N ILE B 101 0.56 24.87 1.67
CA ILE B 101 1.73 24.38 2.37
C ILE B 101 1.98 25.36 3.51
N GLY B 102 2.00 24.85 4.74
CA GLY B 102 2.23 25.73 5.87
C GLY B 102 2.22 25.03 7.20
N GLY B 103 3.18 25.37 8.04
CA GLY B 103 3.23 24.76 9.35
C GLY B 103 3.52 23.28 9.17
N MET B 104 2.75 22.43 9.83
CA MET B 104 2.97 20.99 9.73
C MET B 104 2.23 20.34 8.57
N PHE B 105 1.62 21.12 7.69
CA PHE B 105 0.87 20.52 6.60
C PHE B 105 1.31 20.91 5.19
N GLY B 106 1.12 19.98 4.26
CA GLY B 106 1.43 20.23 2.87
C GLY B 106 0.15 20.70 2.22
N ALA B 107 0.17 20.93 0.91
CA ALA B 107 -1.03 21.41 0.22
C ALA B 107 -2.00 20.29 -0.14
N GLY B 108 -2.35 19.48 0.85
CA GLY B 108 -3.27 18.39 0.61
C GLY B 108 -4.41 18.42 1.61
N ILE B 109 -5.31 17.45 1.47
CA ILE B 109 -6.46 17.33 2.35
C ILE B 109 -6.18 16.07 3.16
N TYR B 110 -6.25 16.21 4.48
CA TYR B 110 -5.95 15.13 5.42
C TYR B 110 -7.16 14.34 5.94
N PHE B 111 -6.95 13.04 6.15
CA PHE B 111 -7.99 12.13 6.65
C PHE B 111 -7.36 11.17 7.66
N ALA B 112 -8.19 10.61 8.54
CA ALA B 112 -7.68 9.69 9.55
C ALA B 112 -8.55 8.46 9.75
N GLU B 113 -7.92 7.37 10.16
CA GLU B 113 -8.65 6.14 10.43
C GLU B 113 -9.39 6.29 11.76
N ASN B 114 -8.88 7.14 12.65
CA ASN B 114 -9.50 7.35 13.95
C ASN B 114 -10.29 8.64 14.03
N SER B 115 -11.57 8.52 14.36
CA SER B 115 -12.44 9.69 14.48
C SER B 115 -11.93 10.71 15.50
N SER B 116 -11.30 10.24 16.58
CA SER B 116 -10.81 11.14 17.61
C SER B 116 -9.73 12.09 17.05
N LYS B 117 -8.97 11.61 16.08
CA LYS B 117 -7.95 12.44 15.47
C LYS B 117 -8.61 13.58 14.70
N SER B 118 -9.60 13.25 13.88
CA SER B 118 -10.31 14.26 13.11
C SER B 118 -11.05 15.23 14.02
N ASN B 119 -11.48 14.74 15.17
CA ASN B 119 -12.20 15.56 16.14
C ASN B 119 -11.28 16.69 16.62
N GLN B 120 -9.97 16.45 16.56
CA GLN B 120 -8.99 17.45 16.99
C GLN B 120 -8.88 18.62 16.02
N TYR B 121 -9.55 18.51 14.87
CA TYR B 121 -9.49 19.56 13.85
C TYR B 121 -10.81 20.26 13.53
N VAL B 122 -11.88 19.80 14.16
CA VAL B 122 -13.19 20.38 13.92
C VAL B 122 -13.21 21.89 14.08
N TYR B 123 -12.49 22.39 15.09
CA TYR B 123 -12.45 23.83 15.34
C TYR B 123 -11.15 24.47 14.87
N GLY B 124 -10.48 23.83 13.93
CA GLY B 124 -9.23 24.37 13.40
C GLY B 124 -8.01 23.59 13.87
N ILE B 125 -6.83 23.95 13.36
CA ILE B 125 -5.59 23.27 13.73
C ILE B 125 -5.39 23.42 15.24
N GLY B 126 -5.00 22.34 15.89
CA GLY B 126 -4.78 22.37 17.32
C GLY B 126 -6.05 22.59 18.12
N GLY B 127 -7.19 22.54 17.42
CA GLY B 127 -8.47 22.74 18.08
C GLY B 127 -8.88 24.20 18.05
N GLY B 128 -8.05 25.03 17.41
CA GLY B 128 -8.33 26.46 17.32
C GLY B 128 -8.62 27.06 18.69
N THR B 129 -9.65 27.88 18.78
CA THR B 129 -10.03 28.49 20.05
C THR B 129 -11.24 27.75 20.60
N GLY B 130 -11.44 26.52 20.14
CA GLY B 130 -12.58 25.74 20.60
C GLY B 130 -13.87 26.15 19.93
N CYS B 131 -15.00 25.85 20.57
CA CYS B 131 -16.30 26.20 20.03
C CYS B 131 -16.45 27.71 19.94
N PRO B 132 -17.17 28.19 18.92
CA PRO B 132 -17.33 29.65 18.79
C PRO B 132 -17.91 30.28 20.05
N THR B 133 -19.06 29.78 20.44
CA THR B 133 -19.81 30.28 21.59
C THR B 133 -19.08 30.33 22.94
N HIS B 134 -18.46 29.24 23.35
CA HIS B 134 -17.77 29.22 24.64
C HIS B 134 -16.24 29.19 24.59
N LYS B 135 -15.68 29.28 23.38
CA LYS B 135 -14.24 29.28 23.20
C LYS B 135 -13.61 28.15 24.02
N ASP B 136 -14.32 27.02 24.05
CA ASP B 136 -13.91 25.84 24.80
C ASP B 136 -13.60 24.68 23.86
N ARG B 137 -12.38 24.17 23.90
CA ARG B 137 -12.02 23.07 23.01
C ARG B 137 -12.60 21.74 23.49
N SER B 138 -13.02 21.69 24.74
CA SER B 138 -13.62 20.48 25.28
C SER B 138 -15.08 20.74 25.61
N CYS B 139 -15.72 21.59 24.81
CA CYS B 139 -17.12 21.90 25.05
C CYS B 139 -17.96 20.65 24.87
N TYR B 140 -18.91 20.47 25.77
CA TYR B 140 -19.80 19.32 25.74
C TYR B 140 -21.20 19.74 25.34
N ILE B 141 -21.37 21.03 25.10
CA ILE B 141 -22.65 21.61 24.72
C ILE B 141 -22.85 21.76 23.22
N CYS B 142 -21.92 22.47 22.58
CA CYS B 142 -22.01 22.74 21.15
C CYS B 142 -21.87 21.51 20.28
N HIS B 143 -22.68 21.46 19.22
CA HIS B 143 -22.65 20.34 18.30
C HIS B 143 -21.50 20.45 17.31
N ARG B 144 -20.80 19.35 17.12
CA ARG B 144 -19.68 19.30 16.19
C ARG B 144 -20.11 18.45 15.00
N GLN B 145 -19.42 18.61 13.89
CA GLN B 145 -19.71 17.82 12.72
C GLN B 145 -18.40 17.33 12.12
N MET B 146 -18.41 16.13 11.59
CA MET B 146 -17.22 15.61 10.90
C MET B 146 -17.72 14.75 9.75
N LEU B 147 -16.83 14.50 8.80
CA LEU B 147 -17.20 13.73 7.64
C LEU B 147 -16.57 12.34 7.64
N PHE B 148 -17.33 11.36 7.15
CA PHE B 148 -16.84 10.00 7.01
C PHE B 148 -16.93 9.88 5.49
N CYS B 149 -15.78 9.89 4.85
CA CYS B 149 -15.69 9.91 3.39
C CYS B 149 -15.06 8.72 2.66
N ARG B 150 -15.38 8.62 1.38
CA ARG B 150 -14.80 7.60 0.53
C ARG B 150 -13.58 8.33 0.00
N VAL B 151 -12.40 7.72 0.16
CA VAL B 151 -11.18 8.35 -0.30
C VAL B 151 -10.44 7.44 -1.27
N THR B 152 -10.22 7.95 -2.48
CA THR B 152 -9.49 7.19 -3.50
C THR B 152 -8.01 7.37 -3.22
N LEU B 153 -7.37 6.34 -2.69
CA LEU B 153 -5.95 6.40 -2.37
C LEU B 153 -4.98 5.96 -3.46
N GLY B 154 -5.44 5.06 -4.34
CA GLY B 154 -4.58 4.55 -5.39
C GLY B 154 -3.32 4.02 -4.75
N LYS B 155 -2.17 4.33 -5.33
CA LYS B 155 -0.92 3.91 -4.75
C LYS B 155 -0.50 4.97 -3.74
N SER B 156 -0.33 4.56 -2.48
CA SER B 156 0.06 5.51 -1.43
C SER B 156 1.56 5.54 -1.19
N PHE B 157 2.07 6.76 -1.09
CA PHE B 157 3.48 7.00 -0.81
C PHE B 157 3.62 7.06 0.71
N LEU B 158 4.52 6.25 1.26
CA LEU B 158 4.75 6.25 2.71
C LEU B 158 5.81 7.28 3.06
N GLN B 159 5.42 8.37 3.71
CA GLN B 159 6.38 9.40 4.04
C GLN B 159 7.27 9.13 5.25
N PHE B 160 8.57 9.37 5.03
CA PHE B 160 9.62 9.19 6.02
C PHE B 160 10.04 10.48 6.70
N SER B 161 10.59 11.41 5.93
CA SER B 161 11.04 12.71 6.44
C SER B 161 10.09 13.82 5.97
N THR B 162 9.36 14.38 6.93
CA THR B 162 8.34 15.40 6.71
C THR B 162 8.55 16.70 5.91
N MET B 163 8.97 16.60 4.66
CA MET B 163 9.10 17.79 3.84
C MET B 163 7.68 17.98 3.31
N LYS B 164 7.25 19.22 3.11
CA LYS B 164 5.89 19.47 2.64
C LYS B 164 5.68 19.30 1.14
N MET B 165 4.56 18.71 0.76
CA MET B 165 4.34 18.47 -0.65
C MET B 165 3.18 19.22 -1.24
N ALA B 166 3.20 19.38 -2.56
CA ALA B 166 2.15 20.06 -3.30
C ALA B 166 1.29 19.02 -3.99
N HIS B 167 1.93 17.94 -4.44
CA HIS B 167 1.24 16.85 -5.12
C HIS B 167 1.79 15.52 -4.62
N ALA B 168 1.12 14.43 -4.99
CA ALA B 168 1.58 13.11 -4.63
C ALA B 168 2.85 12.85 -5.44
N PRO B 169 3.78 12.04 -4.92
CA PRO B 169 5.00 11.76 -5.68
C PRO B 169 4.66 11.05 -6.99
N PRO B 170 5.54 11.17 -7.99
CA PRO B 170 5.30 10.53 -9.29
C PRO B 170 4.93 9.07 -9.08
N GLY B 171 3.93 8.59 -9.82
CA GLY B 171 3.53 7.20 -9.68
C GLY B 171 2.59 6.92 -8.52
N HIS B 172 2.35 7.92 -7.66
CA HIS B 172 1.47 7.74 -6.51
C HIS B 172 0.23 8.63 -6.58
N HIS B 173 -0.75 8.36 -5.72
CA HIS B 173 -2.01 9.11 -5.72
C HIS B 173 -2.42 9.63 -4.35
N SER B 174 -1.62 9.31 -3.35
CA SER B 174 -1.89 9.74 -1.99
C SER B 174 -0.63 9.54 -1.16
N VAL B 175 -0.66 10.08 0.04
CA VAL B 175 0.48 9.96 0.96
C VAL B 175 -0.04 9.46 2.30
N ILE B 176 0.72 8.57 2.92
CA ILE B 176 0.36 8.03 4.22
C ILE B 176 1.45 8.47 5.18
N GLY B 177 1.06 9.13 6.26
CA GLY B 177 2.02 9.61 7.24
C GLY B 177 2.03 8.77 8.51
N TYR B 186 -0.31 7.88 14.64
CA TYR B 186 -1.21 7.09 13.83
C TYR B 186 -1.06 7.53 12.39
N ALA B 187 -1.50 6.69 11.47
CA ALA B 187 -1.41 7.02 10.05
C ALA B 187 -2.33 8.17 9.64
N GLU B 188 -1.77 9.12 8.89
CA GLU B 188 -2.57 10.22 8.39
C GLU B 188 -2.61 9.91 6.90
N TYR B 189 -3.72 10.23 6.25
CA TYR B 189 -3.84 9.98 4.81
C TYR B 189 -4.04 11.33 4.13
N VAL B 190 -3.31 11.56 3.05
CA VAL B 190 -3.39 12.83 2.34
C VAL B 190 -3.63 12.67 0.84
N ILE B 191 -4.51 13.50 0.29
CA ILE B 191 -4.77 13.49 -1.14
C ILE B 191 -4.54 14.95 -1.59
N TYR B 192 -4.08 15.13 -2.81
CA TYR B 192 -3.79 16.47 -3.33
C TYR B 192 -4.71 16.88 -4.47
N ARG B 193 -5.81 16.14 -4.64
CA ARG B 193 -6.83 16.42 -5.63
C ARG B 193 -8.17 16.27 -4.90
N GLY B 194 -8.94 17.35 -4.88
CA GLY B 194 -10.22 17.29 -4.19
C GLY B 194 -11.14 16.17 -4.70
N GLU B 195 -11.03 15.80 -5.97
CA GLU B 195 -11.88 14.75 -6.52
C GLU B 195 -11.59 13.35 -6.00
N GLN B 196 -10.54 13.17 -5.21
CA GLN B 196 -10.26 11.83 -4.70
C GLN B 196 -10.92 11.55 -3.36
N ALA B 197 -11.89 12.38 -3.01
CA ALA B 197 -12.63 12.17 -1.77
C ALA B 197 -14.07 12.63 -1.94
N TYR B 198 -15.00 11.82 -1.44
CA TYR B 198 -16.41 12.15 -1.51
C TYR B 198 -16.93 12.17 -0.08
N PRO B 199 -17.59 13.27 0.31
CA PRO B 199 -18.13 13.40 1.67
C PRO B 199 -19.40 12.58 1.87
N GLU B 200 -19.23 11.26 1.94
CA GLU B 200 -20.34 10.33 2.07
C GLU B 200 -21.32 10.61 3.21
N TYR B 201 -20.78 10.75 4.42
CA TYR B 201 -21.60 10.96 5.60
C TYR B 201 -21.23 12.20 6.39
N LEU B 202 -22.26 12.97 6.76
CA LEU B 202 -22.09 14.15 7.57
C LEU B 202 -22.59 13.74 8.95
N ILE B 203 -21.68 13.64 9.91
CA ILE B 203 -22.03 13.23 11.26
C ILE B 203 -22.12 14.44 12.19
N THR B 204 -23.21 14.51 12.95
CA THR B 204 -23.39 15.61 13.90
C THR B 204 -23.28 14.95 15.26
N TYR B 205 -22.47 15.53 16.14
CA TYR B 205 -22.27 14.90 17.43
C TYR B 205 -21.71 15.85 18.47
N GLN B 206 -21.60 15.33 19.69
CA GLN B 206 -21.03 16.06 20.80
C GLN B 206 -20.09 15.08 21.48
N ILE B 207 -19.03 15.59 22.08
CA ILE B 207 -18.16 14.69 22.82
C ILE B 207 -18.89 14.65 24.16
N MET B 208 -18.77 13.54 24.89
CA MET B 208 -19.44 13.40 26.18
C MET B 208 -18.47 13.38 27.34
N LYS B 209 -18.84 14.02 28.44
CA LYS B 209 -17.98 14.06 29.63
C LYS B 209 -17.73 12.66 30.13
N PRO B 210 -16.52 12.41 30.64
CA PRO B 210 -16.21 11.07 31.17
C PRO B 210 -17.13 10.87 32.36
N GLU B 211 -17.61 9.66 32.58
CA GLU B 211 -18.49 9.42 33.72
C GLU B 211 -17.77 8.63 34.80
ZN ZN C . 31.36 -19.12 -11.98
N1 2C6 D . 15.41 -12.52 -3.13
C9 2C6 D . 14.86 -11.49 -3.88
O1 2C6 D . 14.58 -11.66 -5.05
C10 2C6 D . 14.67 -10.21 -3.26
C11 2C6 D . 14.07 -9.06 -3.93
C15 2C6 D . 13.87 -7.79 -3.19
C16 2C6 D . 14.26 -7.70 -1.77
C17 2C6 D . 14.87 -8.84 -1.09
C7 2C6 D . 15.06 -10.11 -1.80
N2 2C6 D . 15.60 -11.24 -1.17
C8 2C6 D . 15.75 -12.39 -1.79
S1 2C6 D . 16.34 -13.86 -0.97
C18 2C6 D . 12.14 -20.38 0.06
N4 2C6 D . 10.94 -20.28 -0.49
N5 2C6 D . 10.43 -21.50 -0.86
C19 2C6 D . 11.45 -22.36 -0.49
C20 2C6 D . 11.50 -23.84 -0.65
O2 2C6 D . 12.49 -21.66 0.07
C21 2C6 D . 10.40 -24.56 -1.33
C22 2C6 D . 10.46 -26.01 -1.50
C23 2C6 D . 11.61 -26.76 -1.02
C24 2C6 D . 12.71 -26.07 -0.35
C25 2C6 D . 12.66 -24.61 -0.18
C1 2C6 D . 14.20 -17.19 -0.18
C2 2C6 D . 13.50 -16.43 0.95
C3 2C6 D . 13.09 -17.32 2.13
C4 2C6 D . 12.31 -18.55 1.67
C5 2C6 D . 13.00 -19.32 0.56
C6 2C6 D . 13.47 -18.46 -0.62
C12 2C6 D . 16.44 -13.38 0.78
C13 2C6 D . 15.06 -13.08 1.43
C14 2C6 D . 14.08 -14.17 0.98
O3 2C6 D . 13.15 -13.89 0.25
N3 2C6 D . 14.38 -15.40 1.46
ZN ZN E . -19.50 25.49 23.27
N1 2C6 F . -8.46 17.23 9.44
C9 2C6 F . -8.40 15.87 9.72
O1 2C6 F . -9.39 15.14 9.85
C10 2C6 F . -7.10 15.28 9.90
C11 2C6 F . -6.89 13.87 10.17
C15 2C6 F . -5.52 13.37 10.34
C16 2C6 F . -4.37 14.28 10.24
C17 2C6 F . -4.57 15.70 9.97
C7 2C6 F . -5.93 16.24 9.81
N2 2C6 F . -6.14 17.56 9.51
C8 2C6 F . -7.38 18.08 9.33
S1 2C6 F . -7.55 19.80 8.99
C18 2C6 F . -10.83 22.30 2.15
N4 2C6 F . -11.20 21.30 1.36
N5 2C6 F . -12.19 21.64 0.49
C19 2C6 F . -12.43 22.97 0.80
C20 2C6 F . -13.43 23.88 0.17
O2 2C6 F . -11.59 23.37 1.82
C21 2C6 F . -14.36 23.40 -0.88
C22 2C6 F . -15.37 24.29 -1.46
C23 2C6 F . -15.49 25.67 -1.00
C24 2C6 F . -14.59 26.18 0.03
C25 2C6 F . -13.56 25.29 0.62
C1 2C6 F . -9.02 21.14 5.35
C2 2C6 F . -7.68 20.81 4.67
C3 2C6 F . -7.33 21.84 3.59
C4 2C6 F . -8.44 22.03 2.56
C5 2C6 F . -9.80 22.33 3.21
C6 2C6 F . -10.17 21.36 4.35
C12 2C6 F . -5.89 20.36 8.53
C13 2C6 F . -5.25 19.70 7.26
C14 2C6 F . -6.28 19.62 6.15
O3 2C6 F . -6.78 18.54 5.83
N3 2C6 F . -6.57 20.82 5.61
#